data_7HRM
#
_entry.id   7HRM
#
_cell.length_a   98.920
_cell.length_b   98.987
_cell.length_c   128.768
_cell.angle_alpha   90.00
_cell.angle_beta   90.00
_cell.angle_gamma   90.00
#
_symmetry.space_group_name_H-M   'I 2 2 2'
#
loop_
_entity.id
_entity.type
_entity.pdbx_description
1 polymer 'Oleoyl-acyl carrier protein thioesterase 1, chloroplastic'
2 non-polymer '1-benzothiophen-6-amine 1,1-dioxide'
3 non-polymer 'SULFATE ION'
4 water water
#
_entity_poly.entity_id   1
_entity_poly.type   'polypeptide(L)'
_entity_poly.pdbx_seq_one_letter_code
;MGSLTEDGLSYKEKFVVRSYEVGSNKTATVETIANLLQEVGCNHAQSVGFSTDGFATTTTMRKLHLIWVTARMHIEIYKY
PAWGDVVEIETWCQSEGRIGTRRDWILKDSVTGEVTGRATSKWVMMNQDTRRLQKVSDDVRDEYLVFCPQEPRLAFPEEN
NRSLKKIPKLEDPAQYSMIGLKPRRADLDMNQHVNNVTYIGWVLESIPQEIVDTHELQVITLDYRRECQQDDVVDSLTTT
TSEIGGTNGSATSGTQGHNDSQFLHLLRLSGDGQEINRGTTLWRKKPSSHHHHHH
;
_entity_poly.pdbx_strand_id   A,B
#
loop_
_chem_comp.id
_chem_comp.type
_chem_comp.name
_chem_comp.formula
MWP non-polymer '1-benzothiophen-6-amine 1,1-dioxide' 'C8 H7 N O2 S'
SO4 non-polymer 'SULFATE ION' 'O4 S -2'
#
# COMPACT_ATOMS: atom_id res chain seq x y z
N GLY A 2 -7.95 18.93 1.05
CA GLY A 2 -7.89 19.06 2.49
C GLY A 2 -7.63 20.49 2.95
N SER A 3 -8.04 20.81 4.19
CA SER A 3 -7.82 22.15 4.70
C SER A 3 -7.90 22.26 6.22
N LEU A 4 -7.22 23.28 6.79
CA LEU A 4 -7.36 23.63 8.20
C LEU A 4 -8.81 24.14 8.37
N THR A 5 -9.41 23.90 9.54
CA THR A 5 -10.74 24.40 9.84
C THR A 5 -10.68 25.96 10.05
N GLU A 6 -11.81 26.61 10.32
CA GLU A 6 -11.86 28.07 10.48
C GLU A 6 -10.93 28.60 11.55
N ASP A 7 -10.88 27.97 12.73
CA ASP A 7 -10.02 28.46 13.81
C ASP A 7 -8.52 28.12 13.62
N GLY A 8 -8.18 27.32 12.61
CA GLY A 8 -6.82 26.93 12.32
C GLY A 8 -6.22 25.98 13.35
N LEU A 9 -7.08 25.35 14.21
CA LEU A 9 -6.65 24.44 15.25
C LEU A 9 -6.88 22.93 14.94
N SER A 10 -7.43 22.61 13.78
CA SER A 10 -7.58 21.22 13.33
C SER A 10 -7.56 21.16 11.79
N TYR A 11 -7.43 19.96 11.23
CA TYR A 11 -7.32 19.77 9.80
C TYR A 11 -8.26 18.66 9.33
N LYS A 12 -8.95 18.86 8.19
CA LYS A 12 -9.88 17.88 7.64
C LYS A 12 -9.52 17.52 6.22
N GLU A 13 -9.72 16.24 5.86
CA GLU A 13 -9.46 15.77 4.50
C GLU A 13 -10.42 14.61 4.15
N LYS A 14 -10.86 14.56 2.88
CA LYS A 14 -11.71 13.50 2.38
C LYS A 14 -10.90 12.55 1.50
N PHE A 15 -11.23 11.25 1.55
CA PHE A 15 -10.56 10.24 0.74
C PHE A 15 -11.58 9.31 0.15
N VAL A 16 -11.40 8.94 -1.12
CA VAL A 16 -12.28 7.98 -1.78
C VAL A 16 -11.57 6.64 -1.63
N VAL A 17 -12.20 5.64 -0.99
CA VAL A 17 -11.58 4.31 -0.79
C VAL A 17 -11.30 3.58 -2.14
N ARG A 18 -10.02 3.16 -2.35
CA ARG A 18 -9.55 2.50 -3.58
C ARG A 18 -9.73 0.97 -3.64
N SER A 19 -9.80 0.40 -4.86
CA SER A 19 -9.97 -1.04 -5.07
C SER A 19 -8.93 -1.89 -4.33
N TYR A 20 -7.63 -1.49 -4.39
CA TYR A 20 -6.54 -2.24 -3.75
C TYR A 20 -6.43 -1.98 -2.23
N GLU A 21 -7.22 -1.06 -1.70
CA GLU A 21 -7.21 -0.70 -0.28
C GLU A 21 -8.18 -1.57 0.57
N VAL A 22 -9.02 -2.39 -0.08
CA VAL A 22 -10.03 -3.17 0.64
C VAL A 22 -9.68 -4.64 0.78
N GLY A 23 -10.27 -5.27 1.80
CA GLY A 23 -10.14 -6.70 2.08
C GLY A 23 -11.29 -7.53 1.52
N SER A 24 -11.49 -8.75 2.05
N SER A 24 -11.49 -8.76 2.05
N SER A 24 -11.49 -8.75 2.05
CA SER A 24 -12.52 -9.70 1.62
CA SER A 24 -12.51 -9.70 1.59
CA SER A 24 -12.52 -9.70 1.62
C SER A 24 -13.95 -9.19 1.71
C SER A 24 -13.96 -9.22 1.74
C SER A 24 -13.95 -9.19 1.71
N ASN A 25 -14.22 -8.28 2.65
CA ASN A 25 -15.56 -7.71 2.84
C ASN A 25 -15.84 -6.50 1.90
N LYS A 26 -14.89 -6.16 1.00
CA LYS A 26 -14.97 -5.00 0.13
C LYS A 26 -15.02 -3.69 0.94
N THR A 27 -14.40 -3.68 2.13
CA THR A 27 -14.25 -2.50 2.99
C THR A 27 -12.76 -2.30 3.30
N ALA A 28 -12.37 -1.05 3.60
CA ALA A 28 -10.99 -0.67 3.86
C ALA A 28 -10.38 -1.48 4.99
N THR A 29 -9.15 -1.97 4.80
CA THR A 29 -8.46 -2.70 5.87
C THR A 29 -8.04 -1.72 6.98
N VAL A 30 -7.72 -2.21 8.18
CA VAL A 30 -7.22 -1.33 9.25
C VAL A 30 -5.87 -0.69 8.85
N GLU A 31 -5.10 -1.34 7.94
CA GLU A 31 -3.82 -0.78 7.49
C GLU A 31 -4.06 0.38 6.53
N THR A 32 -5.11 0.31 5.69
CA THR A 32 -5.45 1.44 4.82
C THR A 32 -5.86 2.62 5.72
N ILE A 33 -6.70 2.35 6.74
CA ILE A 33 -7.14 3.40 7.68
C ILE A 33 -5.94 4.05 8.36
N ALA A 34 -5.02 3.25 8.90
CA ALA A 34 -3.81 3.74 9.57
C ALA A 34 -2.95 4.59 8.63
N ASN A 35 -2.81 4.21 7.33
CA ASN A 35 -2.05 4.99 6.34
C ASN A 35 -2.73 6.36 6.11
N LEU A 36 -4.08 6.38 6.04
CA LEU A 36 -4.86 7.61 5.87
C LEU A 36 -4.71 8.54 7.08
N LEU A 37 -4.62 7.96 8.30
CA LEU A 37 -4.40 8.77 9.50
C LEU A 37 -3.05 9.49 9.42
N GLN A 38 -2.02 8.73 9.00
CA GLN A 38 -0.67 9.21 8.82
C GLN A 38 -0.65 10.34 7.77
N GLU A 39 -1.32 10.12 6.61
CA GLU A 39 -1.41 11.11 5.53
C GLU A 39 -2.10 12.43 5.97
N VAL A 40 -3.21 12.34 6.73
CA VAL A 40 -3.91 13.55 7.17
C VAL A 40 -3.05 14.30 8.25
N GLY A 41 -2.28 13.56 9.04
CA GLY A 41 -1.33 14.10 10.01
C GLY A 41 -0.22 14.87 9.29
N CYS A 42 0.31 14.30 8.21
N CYS A 42 0.29 14.30 8.21
N CYS A 42 0.31 14.30 8.21
CA CYS A 42 1.36 14.93 7.40
CA CYS A 42 1.33 14.89 7.41
CA CYS A 42 1.36 14.93 7.40
C CYS A 42 0.83 16.22 6.77
C CYS A 42 0.84 16.18 6.75
C CYS A 42 0.83 16.22 6.77
N ASN A 43 -0.40 16.18 6.23
CA ASN A 43 -1.00 17.34 5.57
C ASN A 43 -1.29 18.46 6.57
N HIS A 44 -1.65 18.11 7.81
CA HIS A 44 -1.88 19.07 8.88
C HIS A 44 -0.54 19.82 9.17
N ALA A 45 0.57 19.10 9.37
CA ALA A 45 1.87 19.72 9.65
C ALA A 45 2.30 20.69 8.50
N GLN A 46 2.10 20.28 7.25
CA GLN A 46 2.42 21.12 6.11
C GLN A 46 1.57 22.40 6.09
N SER A 47 0.27 22.28 6.37
CA SER A 47 -0.64 23.42 6.35
C SER A 47 -0.32 24.48 7.42
N VAL A 48 0.33 24.09 8.52
CA VAL A 48 0.68 25.05 9.57
C VAL A 48 2.13 25.55 9.43
N GLY A 49 2.80 25.29 8.29
CA GLY A 49 4.12 25.85 8.05
C GLY A 49 5.34 24.95 8.05
N PHE A 50 5.20 23.66 8.38
CA PHE A 50 6.33 22.72 8.40
C PHE A 50 6.69 22.10 7.04
N ALA A 56 7.24 16.94 11.72
CA ALA A 56 6.69 18.17 12.28
C ALA A 56 7.71 18.81 13.24
N THR A 57 8.87 19.19 12.70
CA THR A 57 9.98 19.76 13.46
C THR A 57 10.23 21.24 13.21
N THR A 58 10.33 22.02 14.29
CA THR A 58 10.67 23.44 14.26
C THR A 58 12.17 23.61 14.06
N THR A 59 12.64 24.86 13.79
CA THR A 59 14.06 25.20 13.68
C THR A 59 14.81 24.77 14.94
N THR A 60 14.16 24.90 16.13
CA THR A 60 14.78 24.52 17.40
C THR A 60 14.99 23.00 17.51
N MET A 61 13.98 22.20 17.12
CA MET A 61 14.11 20.75 17.13
C MET A 61 15.18 20.32 16.11
N ARG A 62 15.17 20.94 14.92
CA ARG A 62 16.14 20.66 13.87
C ARG A 62 17.58 20.98 14.31
N LYS A 63 17.74 22.07 15.06
CA LYS A 63 19.03 22.52 15.61
C LYS A 63 19.60 21.48 16.60
N LEU A 64 18.73 20.93 17.47
CA LEU A 64 19.12 19.93 18.47
C LEU A 64 19.01 18.47 17.99
N HIS A 65 18.77 18.24 16.69
CA HIS A 65 18.57 16.92 16.07
C HIS A 65 17.47 16.08 16.79
N LEU A 66 16.34 16.72 17.11
CA LEU A 66 15.24 16.03 17.78
C LEU A 66 14.12 15.74 16.79
N ILE A 67 13.44 14.59 16.94
CA ILE A 67 12.30 14.20 16.13
C ILE A 67 11.14 13.68 17.03
N TRP A 68 9.93 13.65 16.48
CA TRP A 68 8.78 13.07 17.15
C TRP A 68 8.73 11.59 16.72
N VAL A 69 8.50 10.70 17.66
CA VAL A 69 8.38 9.28 17.42
C VAL A 69 7.13 8.77 18.13
N THR A 70 6.42 7.79 17.55
CA THR A 70 5.19 7.26 18.17
C THR A 70 5.53 6.30 19.32
N ALA A 71 4.93 6.52 20.48
CA ALA A 71 5.07 5.61 21.62
C ALA A 71 3.87 4.63 21.64
N ARG A 72 2.67 5.12 21.31
CA ARG A 72 1.47 4.29 21.32
C ARG A 72 0.48 4.77 20.27
N MET A 73 -0.25 3.81 19.66
CA MET A 73 -1.30 4.06 18.66
C MET A 73 -2.56 3.28 19.14
N HIS A 74 -3.74 3.90 19.12
CA HIS A 74 -4.99 3.27 19.53
C HIS A 74 -6.09 3.61 18.53
N ILE A 75 -6.66 2.60 17.87
CA ILE A 75 -7.69 2.82 16.85
C ILE A 75 -8.96 2.01 17.19
N GLU A 76 -10.14 2.66 17.05
CA GLU A 76 -11.43 2.02 17.22
C GLU A 76 -12.31 2.25 15.99
N ILE A 77 -12.71 1.18 15.30
CA ILE A 77 -13.54 1.30 14.11
C ILE A 77 -14.92 0.69 14.33
N TYR A 78 -15.99 1.50 14.12
CA TYR A 78 -17.37 1.03 14.23
C TYR A 78 -17.81 0.50 12.86
N LYS A 79 -17.48 1.22 11.78
CA LYS A 79 -17.79 0.78 10.41
C LYS A 79 -16.61 1.08 9.48
N TYR A 80 -16.14 0.07 8.75
CA TYR A 80 -15.05 0.28 7.79
C TYR A 80 -15.71 0.80 6.50
N PRO A 81 -15.21 1.90 5.93
CA PRO A 81 -15.82 2.42 4.70
C PRO A 81 -15.67 1.45 3.54
N ALA A 82 -16.70 1.37 2.72
CA ALA A 82 -16.72 0.47 1.57
C ALA A 82 -15.91 1.06 0.40
N TRP A 83 -15.48 0.19 -0.52
CA TRP A 83 -14.80 0.54 -1.76
C TRP A 83 -15.66 1.57 -2.55
N GLY A 84 -15.06 2.71 -2.88
CA GLY A 84 -15.79 3.77 -3.58
C GLY A 84 -16.43 4.80 -2.67
N ASP A 85 -16.51 4.51 -1.35
CA ASP A 85 -17.09 5.46 -0.41
C ASP A 85 -16.10 6.60 -0.10
N VAL A 86 -16.63 7.73 0.39
CA VAL A 86 -15.81 8.85 0.76
C VAL A 86 -15.80 8.93 2.27
N VAL A 87 -14.61 8.93 2.88
CA VAL A 87 -14.48 9.04 4.32
C VAL A 87 -13.82 10.40 4.66
N GLU A 88 -14.37 11.15 5.64
CA GLU A 88 -13.78 12.42 6.05
C GLU A 88 -13.04 12.22 7.38
N ILE A 89 -11.79 12.63 7.45
CA ILE A 89 -10.99 12.50 8.65
C ILE A 89 -10.57 13.86 9.22
N GLU A 90 -10.86 14.09 10.51
CA GLU A 90 -10.44 15.33 11.17
C GLU A 90 -9.33 15.01 12.20
N THR A 91 -8.25 15.80 12.22
CA THR A 91 -7.15 15.56 13.13
C THR A 91 -6.71 16.84 13.86
N TRP A 92 -6.22 16.66 15.07
CA TRP A 92 -5.70 17.76 15.86
C TRP A 92 -4.64 17.24 16.81
N CYS A 93 -3.84 18.15 17.38
CA CYS A 93 -2.80 17.80 18.34
C CYS A 93 -3.03 18.52 19.63
N GLN A 94 -2.54 17.94 20.72
CA GLN A 94 -2.56 18.59 22.00
C GLN A 94 -1.31 18.28 22.75
N SER A 95 -0.80 19.29 23.43
CA SER A 95 0.37 19.15 24.26
C SER A 95 -0.05 18.38 25.53
N GLU A 96 0.79 17.46 26.00
CA GLU A 96 0.52 16.74 27.24
C GLU A 96 1.64 17.09 28.19
N GLY A 97 1.80 18.39 28.44
CA GLY A 97 2.85 18.94 29.30
C GLY A 97 4.24 18.56 28.86
N ARG A 98 5.07 18.12 29.80
CA ARG A 98 6.44 17.71 29.47
C ARG A 98 6.57 16.27 28.99
N ILE A 99 5.49 15.48 29.05
CA ILE A 99 5.55 14.09 28.63
C ILE A 99 5.77 13.95 27.12
N GLY A 100 5.01 14.71 26.35
CA GLY A 100 5.05 14.67 24.90
C GLY A 100 3.79 15.29 24.34
N THR A 101 3.38 14.83 23.17
CA THR A 101 2.17 15.33 22.51
C THR A 101 1.23 14.17 22.19
N ARG A 102 -0.03 14.50 21.94
CA ARG A 102 -1.03 13.52 21.55
C ARG A 102 -1.66 13.97 20.23
N ARG A 103 -1.80 13.06 19.25
CA ARG A 103 -2.52 13.41 18.02
C ARG A 103 -3.77 12.58 18.03
N ASP A 104 -4.95 13.21 17.84
CA ASP A 104 -6.22 12.50 17.79
C ASP A 104 -6.87 12.60 16.40
N TRP A 105 -7.73 11.65 16.08
CA TRP A 105 -8.47 11.65 14.82
C TRP A 105 -9.92 11.23 15.01
N ILE A 106 -10.81 11.73 14.14
CA ILE A 106 -12.21 11.35 14.08
C ILE A 106 -12.51 11.00 12.62
N LEU A 107 -13.06 9.81 12.38
CA LEU A 107 -13.42 9.39 11.03
C LEU A 107 -14.93 9.45 10.89
N LYS A 108 -15.42 9.98 9.78
CA LYS A 108 -16.85 10.07 9.52
C LYS A 108 -17.19 9.63 8.10
N ASP A 109 -18.40 9.14 7.90
CA ASP A 109 -18.91 8.82 6.58
C ASP A 109 -19.30 10.20 6.01
N SER A 110 -18.78 10.56 4.83
CA SER A 110 -19.03 11.87 4.25
C SER A 110 -20.50 12.08 3.87
N VAL A 111 -21.19 11.00 3.47
CA VAL A 111 -22.57 11.08 3.05
C VAL A 111 -23.54 11.22 4.25
N THR A 112 -23.32 10.46 5.34
CA THR A 112 -24.23 10.53 6.49
C THR A 112 -23.81 11.49 7.61
N GLY A 113 -22.51 11.78 7.71
CA GLY A 113 -21.97 12.62 8.76
C GLY A 113 -21.76 11.88 10.08
N GLU A 114 -22.05 10.58 10.14
CA GLU A 114 -21.89 9.80 11.35
C GLU A 114 -20.46 9.35 11.60
N VAL A 115 -20.06 9.35 12.87
CA VAL A 115 -18.73 8.94 13.29
C VAL A 115 -18.60 7.45 13.08
N THR A 116 -17.72 7.03 12.21
CA THR A 116 -17.49 5.62 11.93
C THR A 116 -16.20 5.07 12.60
N GLY A 117 -15.39 5.96 13.18
CA GLY A 117 -14.15 5.55 13.83
C GLY A 117 -13.47 6.68 14.57
N ARG A 118 -12.49 6.31 15.41
CA ARG A 118 -11.70 7.26 16.15
C ARG A 118 -10.33 6.69 16.51
N ALA A 119 -9.34 7.58 16.61
CA ALA A 119 -7.99 7.14 16.93
C ALA A 119 -7.26 8.16 17.77
N THR A 120 -6.28 7.69 18.55
CA THR A 120 -5.45 8.53 19.40
C THR A 120 -4.02 7.98 19.40
N SER A 121 -3.04 8.85 19.49
CA SER A 121 -1.65 8.43 19.49
C SER A 121 -0.81 9.29 20.41
N LYS A 122 0.18 8.68 21.08
CA LYS A 122 1.12 9.33 21.98
C LYS A 122 2.49 9.43 21.28
N TRP A 123 3.05 10.64 21.26
CA TRP A 123 4.32 10.94 20.62
C TRP A 123 5.29 11.52 21.65
N VAL A 124 6.57 11.12 21.54
CA VAL A 124 7.63 11.60 22.45
C VAL A 124 8.81 12.13 21.63
N MET A 125 9.63 13.00 22.25
CA MET A 125 10.76 13.59 21.55
C MET A 125 11.98 12.67 21.68
N MET A 126 12.74 12.50 20.59
CA MET A 126 13.90 11.62 20.61
C MET A 126 15.02 12.23 19.80
N ASN A 127 16.27 12.04 20.24
CA ASN A 127 17.42 12.48 19.47
C ASN A 127 17.53 11.53 18.29
N GLN A 128 17.53 12.07 17.06
CA GLN A 128 17.62 11.36 15.77
C GLN A 128 18.82 10.41 15.67
N ASP A 129 19.95 10.78 16.27
CA ASP A 129 21.21 10.07 16.15
C ASP A 129 21.48 9.05 17.26
N THR A 130 21.31 9.44 18.53
CA THR A 130 21.55 8.54 19.65
C THR A 130 20.37 7.68 20.04
N ARG A 131 19.15 8.03 19.56
CA ARG A 131 17.88 7.37 19.89
C ARG A 131 17.50 7.54 21.37
N ARG A 132 18.02 8.59 22.03
CA ARG A 132 17.74 8.83 23.43
C ARG A 132 16.49 9.67 23.60
N LEU A 133 15.58 9.19 24.44
CA LEU A 133 14.34 9.89 24.73
C LEU A 133 14.57 10.99 25.75
N GLN A 134 13.70 11.98 25.75
CA GLN A 134 13.77 13.07 26.71
C GLN A 134 12.41 13.74 26.86
N LYS A 135 12.23 14.42 27.99
CA LYS A 135 11.02 15.20 28.25
C LYS A 135 11.03 16.45 27.35
N VAL A 136 9.88 17.09 27.20
CA VAL A 136 9.79 18.29 26.37
C VAL A 136 10.27 19.54 27.12
N SER A 137 11.23 20.27 26.54
CA SER A 137 11.72 21.50 27.17
C SER A 137 10.65 22.60 27.02
N ASP A 138 10.62 23.57 27.95
CA ASP A 138 9.66 24.66 27.86
C ASP A 138 9.75 25.43 26.54
N ASP A 139 10.97 25.70 26.08
CA ASP A 139 11.22 26.41 24.83
C ASP A 139 10.63 25.73 23.60
N VAL A 140 10.79 24.39 23.48
CA VAL A 140 10.24 23.66 22.33
C VAL A 140 8.72 23.59 22.41
N ARG A 141 8.17 23.21 23.57
CA ARG A 141 6.73 23.10 23.80
C ARG A 141 5.99 24.40 23.48
N ASP A 142 6.56 25.54 23.88
CA ASP A 142 5.91 26.83 23.66
C ASP A 142 5.85 27.22 22.17
N GLU A 143 6.75 26.67 21.32
CA GLU A 143 6.73 26.93 19.89
C GLU A 143 5.56 26.23 19.18
N TYR A 144 5.06 25.11 19.75
CA TYR A 144 3.96 24.34 19.15
C TYR A 144 2.58 24.65 19.72
N LEU A 145 2.51 25.32 20.87
CA LEU A 145 1.23 25.61 21.52
C LEU A 145 0.27 26.43 20.68
N VAL A 146 0.79 27.32 19.83
CA VAL A 146 -0.05 28.15 18.96
C VAL A 146 -0.79 27.35 17.86
N PHE A 147 -0.49 26.05 17.71
CA PHE A 147 -1.12 25.16 16.73
C PHE A 147 -2.08 24.13 17.38
N CYS A 148 -2.27 24.19 18.71
CA CYS A 148 -3.12 23.27 19.45
C CYS A 148 -4.31 23.97 20.07
N PRO A 149 -5.48 23.29 20.18
CA PRO A 149 -6.57 23.86 21.00
C PRO A 149 -6.08 23.93 22.46
N GLN A 150 -6.40 25.01 23.18
CA GLN A 150 -5.91 25.18 24.55
C GLN A 150 -6.72 24.41 25.59
N GLU A 151 -8.04 24.32 25.38
CA GLU A 151 -8.89 23.51 26.23
C GLU A 151 -8.81 22.06 25.74
N PRO A 152 -8.92 21.06 26.64
CA PRO A 152 -8.83 19.66 26.18
C PRO A 152 -9.90 19.31 25.15
N ARG A 153 -9.50 18.54 24.15
CA ARG A 153 -10.34 18.05 23.08
C ARG A 153 -9.88 16.62 22.86
N LEU A 154 -10.66 15.65 23.33
CA LEU A 154 -10.24 14.26 23.27
C LEU A 154 -11.13 13.38 22.43
N ALA A 155 -10.53 12.62 21.53
CA ALA A 155 -11.28 11.63 20.74
C ALA A 155 -11.79 10.53 21.67
N PHE A 156 -11.09 10.23 22.76
CA PHE A 156 -11.52 9.23 23.75
C PHE A 156 -11.70 9.89 25.13
N PRO A 157 -12.84 10.56 25.35
CA PRO A 157 -13.07 11.23 26.63
C PRO A 157 -13.27 10.30 27.85
N GLU A 158 -14.01 9.18 27.71
CA GLU A 158 -14.32 8.22 28.79
C GLU A 158 -13.26 8.07 29.88
N GLU A 159 -13.66 8.18 31.16
CA GLU A 159 -12.74 8.13 32.30
C GLU A 159 -12.07 6.76 32.48
N ASN A 160 -12.60 5.69 31.83
CA ASN A 160 -11.97 4.38 31.91
C ASN A 160 -11.80 3.77 30.51
N ASN A 161 -11.39 4.60 29.55
CA ASN A 161 -11.22 4.20 28.16
C ASN A 161 -10.12 3.18 27.95
N ARG A 162 -10.29 2.32 26.95
CA ARG A 162 -9.30 1.30 26.61
C ARG A 162 -8.04 1.86 25.92
N SER A 163 -8.01 3.17 25.61
CA SER A 163 -6.86 3.83 24.96
C SER A 163 -5.67 4.01 25.89
N LEU A 164 -5.91 4.05 27.22
CA LEU A 164 -4.86 4.24 28.23
C LEU A 164 -4.60 2.99 29.09
N LYS A 165 -5.06 1.81 28.64
CA LYS A 165 -4.88 0.58 29.42
C LYS A 165 -3.44 0.07 29.33
N LYS A 166 -2.89 -0.46 30.42
CA LYS A 166 -1.52 -0.96 30.42
C LYS A 166 -1.49 -2.35 29.74
N ILE A 167 -0.49 -2.61 28.87
CA ILE A 167 -0.41 -3.90 28.16
C ILE A 167 0.67 -4.82 28.74
N PRO A 168 0.28 -6.03 29.18
CA PRO A 168 1.27 -6.97 29.72
C PRO A 168 2.13 -7.63 28.64
N LYS A 169 3.22 -8.28 29.05
CA LYS A 169 4.10 -8.96 28.10
C LYS A 169 3.65 -10.41 27.94
N LEU A 170 3.40 -10.83 26.70
CA LEU A 170 2.99 -12.19 26.36
C LEU A 170 4.05 -13.21 26.88
N GLU A 171 3.59 -14.27 27.56
CA GLU A 171 4.47 -15.31 28.09
C GLU A 171 4.58 -16.52 27.13
N ASP A 172 5.79 -17.07 26.95
CA ASP A 172 5.96 -18.24 26.11
C ASP A 172 5.42 -19.49 26.87
N PRO A 173 4.72 -20.41 26.19
CA PRO A 173 4.49 -20.47 24.74
C PRO A 173 3.28 -19.66 24.25
N ALA A 174 3.40 -19.05 23.05
CA ALA A 174 2.32 -18.29 22.45
C ALA A 174 1.30 -19.29 21.87
N GLN A 175 0.00 -18.92 21.87
CA GLN A 175 -1.01 -19.82 21.31
C GLN A 175 -0.83 -19.94 19.78
N TYR A 176 -0.59 -18.78 19.11
CA TYR A 176 -0.39 -18.69 17.67
C TYR A 176 0.90 -17.90 17.32
N SER A 177 1.46 -18.13 16.13
CA SER A 177 2.68 -17.42 15.73
C SER A 177 2.86 -17.36 14.22
N MET A 178 3.55 -16.31 13.75
CA MET A 178 3.93 -16.16 12.35
C MET A 178 5.42 -15.75 12.43
N ILE A 179 6.31 -16.58 11.94
CA ILE A 179 7.76 -16.36 12.11
C ILE A 179 8.46 -15.91 10.82
N GLY A 180 9.61 -15.27 10.97
CA GLY A 180 10.41 -14.88 9.82
C GLY A 180 9.86 -13.76 8.97
N LEU A 181 9.11 -12.83 9.55
CA LEU A 181 8.56 -11.68 8.82
C LEU A 181 9.67 -10.66 8.51
N LYS A 182 9.79 -10.20 7.26
CA LYS A 182 10.84 -9.26 6.86
C LYS A 182 10.24 -8.11 6.07
N PRO A 183 10.72 -6.88 6.28
CA PRO A 183 10.20 -5.77 5.46
C PRO A 183 10.80 -5.75 4.05
N ARG A 184 9.98 -5.38 3.06
CA ARG A 184 10.50 -5.18 1.71
C ARG A 184 10.52 -3.64 1.46
N ARG A 185 11.08 -3.16 0.34
CA ARG A 185 11.19 -1.71 0.10
C ARG A 185 9.85 -0.96 0.20
N ALA A 186 8.73 -1.60 -0.19
CA ALA A 186 7.40 -0.96 -0.06
C ALA A 186 7.01 -0.70 1.40
N ASP A 187 7.60 -1.42 2.35
CA ASP A 187 7.32 -1.19 3.78
C ASP A 187 8.11 0.01 4.37
N LEU A 188 9.03 0.60 3.61
CA LEU A 188 9.86 1.69 4.10
C LEU A 188 9.27 3.07 3.76
N ASP A 189 9.53 4.07 4.60
CA ASP A 189 9.11 5.43 4.34
C ASP A 189 10.19 6.18 3.50
N MET A 190 9.99 7.48 3.26
CA MET A 190 10.91 8.29 2.49
C MET A 190 12.29 8.43 3.15
N ASN A 191 12.43 8.11 4.45
CA ASN A 191 13.73 8.17 5.15
C ASN A 191 14.37 6.78 5.33
N GLN A 192 13.87 5.76 4.61
CA GLN A 192 14.33 4.36 4.65
C GLN A 192 14.12 3.67 6.02
N HIS A 193 13.13 4.14 6.77
CA HIS A 193 12.76 3.53 8.05
C HIS A 193 11.48 2.74 7.82
N VAL A 194 11.24 1.67 8.59
CA VAL A 194 10.03 0.87 8.44
C VAL A 194 8.82 1.75 8.83
N ASN A 195 7.79 1.79 7.96
CA ASN A 195 6.58 2.56 8.22
C ASN A 195 5.85 1.95 9.45
N ASN A 196 5.34 2.80 10.35
CA ASN A 196 4.61 2.35 11.55
C ASN A 196 3.43 1.41 11.25
N VAL A 197 2.81 1.54 10.08
CA VAL A 197 1.65 0.73 9.70
C VAL A 197 2.03 -0.75 9.43
N THR A 198 3.26 -0.99 8.95
CA THR A 198 3.79 -2.35 8.75
C THR A 198 3.73 -3.16 10.06
N TYR A 199 4.00 -2.53 11.22
CA TYR A 199 3.97 -3.25 12.50
C TYR A 199 2.54 -3.72 12.82
N ILE A 200 1.52 -2.90 12.46
CA ILE A 200 0.10 -3.26 12.61
C ILE A 200 -0.18 -4.53 11.77
N GLY A 201 0.29 -4.54 10.51
CA GLY A 201 0.15 -5.70 9.63
C GLY A 201 0.82 -6.94 10.20
N TRP A 202 2.05 -6.78 10.72
CA TRP A 202 2.79 -7.90 11.32
C TRP A 202 2.09 -8.45 12.56
N VAL A 203 1.51 -7.58 13.39
CA VAL A 203 0.76 -8.00 14.59
C VAL A 203 -0.42 -8.90 14.16
N LEU A 204 -1.17 -8.43 13.14
CA LEU A 204 -2.33 -9.14 12.62
C LEU A 204 -2.03 -10.45 11.90
N GLU A 205 -0.80 -10.64 11.41
CA GLU A 205 -0.43 -11.88 10.71
C GLU A 205 -0.53 -13.14 11.59
N SER A 206 -0.40 -13.00 12.92
CA SER A 206 -0.49 -14.18 13.79
C SER A 206 -1.93 -14.48 14.25
N ILE A 207 -2.93 -13.70 13.81
CA ILE A 207 -4.34 -13.99 14.13
C ILE A 207 -4.75 -15.08 13.12
N PRO A 208 -5.39 -16.18 13.58
CA PRO A 208 -5.80 -17.23 12.63
C PRO A 208 -6.76 -16.71 11.56
N GLN A 209 -6.67 -17.28 10.35
CA GLN A 209 -7.52 -16.88 9.23
C GLN A 209 -9.02 -17.07 9.55
N GLU A 210 -9.39 -18.09 10.34
CA GLU A 210 -10.78 -18.34 10.73
C GLU A 210 -11.35 -17.18 11.53
N ILE A 211 -10.56 -16.58 12.45
CA ILE A 211 -10.99 -15.42 13.21
C ILE A 211 -11.23 -14.26 12.25
N VAL A 212 -10.25 -13.98 11.36
CA VAL A 212 -10.38 -12.92 10.36
C VAL A 212 -11.61 -13.12 9.44
N ASP A 213 -11.89 -14.35 9.02
CA ASP A 213 -13.03 -14.67 8.16
C ASP A 213 -14.42 -14.52 8.83
N THR A 214 -14.51 -14.67 10.15
CA THR A 214 -15.79 -14.60 10.86
C THR A 214 -15.96 -13.40 11.81
N HIS A 215 -14.90 -12.63 12.01
CA HIS A 215 -14.94 -11.49 12.93
C HIS A 215 -14.49 -10.22 12.25
N GLU A 216 -14.84 -9.09 12.84
CA GLU A 216 -14.36 -7.80 12.39
C GLU A 216 -13.54 -7.19 13.51
N LEU A 217 -12.40 -6.61 13.17
CA LEU A 217 -11.55 -5.96 14.16
C LEU A 217 -12.22 -4.67 14.61
N GLN A 218 -12.45 -4.53 15.92
CA GLN A 218 -13.08 -3.34 16.48
C GLN A 218 -12.03 -2.40 17.10
N VAL A 219 -11.11 -2.94 17.89
CA VAL A 219 -10.12 -2.12 18.58
C VAL A 219 -8.73 -2.72 18.44
N ILE A 220 -7.71 -1.87 18.30
CA ILE A 220 -6.30 -2.26 18.30
C ILE A 220 -5.52 -1.20 19.07
N THR A 221 -4.73 -1.63 20.06
CA THR A 221 -3.85 -0.78 20.82
C THR A 221 -2.44 -1.33 20.60
N LEU A 222 -1.52 -0.49 20.16
CA LEU A 222 -0.15 -0.92 19.90
C LEU A 222 0.87 -0.01 20.57
N ASP A 223 1.78 -0.59 21.37
CA ASP A 223 2.91 0.10 21.98
C ASP A 223 4.13 -0.14 21.10
N TYR A 224 4.93 0.91 20.89
CA TYR A 224 6.15 0.87 20.08
C TYR A 224 7.37 1.00 21.04
N ARG A 225 8.20 -0.02 21.11
CA ARG A 225 9.33 -0.04 22.05
C ARG A 225 10.67 0.18 21.35
N ARG A 226 10.82 -0.45 20.18
CA ARG A 226 12.05 -0.42 19.43
C ARG A 226 11.70 -0.55 17.94
N GLU A 227 12.52 0.03 17.11
CA GLU A 227 12.34 -0.02 15.68
C GLU A 227 12.90 -1.32 15.02
N CYS A 228 12.25 -1.81 13.96
CA CYS A 228 12.76 -2.95 13.20
C CYS A 228 13.61 -2.30 12.10
N GLN A 229 14.86 -2.73 11.98
CA GLN A 229 15.72 -2.21 10.92
C GLN A 229 15.44 -2.95 9.61
N GLN A 230 15.82 -2.36 8.48
CA GLN A 230 15.62 -2.94 7.15
C GLN A 230 16.16 -4.40 7.02
N ASP A 231 17.23 -4.75 7.76
CA ASP A 231 17.78 -6.11 7.69
C ASP A 231 17.43 -7.00 8.92
N ASP A 232 16.42 -6.58 9.69
CA ASP A 232 15.97 -7.37 10.83
C ASP A 232 14.87 -8.37 10.40
N VAL A 233 14.64 -9.39 11.22
CA VAL A 233 13.63 -10.42 10.97
C VAL A 233 12.75 -10.48 12.22
N VAL A 234 11.44 -10.50 12.04
CA VAL A 234 10.49 -10.43 13.15
C VAL A 234 9.61 -11.68 13.31
N ASP A 235 9.33 -12.04 14.55
CA ASP A 235 8.37 -13.09 14.88
C ASP A 235 7.14 -12.39 15.49
N SER A 236 5.93 -12.82 15.10
CA SER A 236 4.66 -12.24 15.58
C SER A 236 3.94 -13.28 16.43
N LEU A 237 3.69 -12.96 17.69
CA LEU A 237 3.10 -13.89 18.65
C LEU A 237 1.72 -13.37 19.16
N THR A 238 0.74 -14.29 19.32
CA THR A 238 -0.63 -13.99 19.75
C THR A 238 -1.17 -15.08 20.69
N THR A 239 -1.88 -14.66 21.76
CA THR A 239 -2.55 -15.58 22.67
C THR A 239 -3.94 -15.01 22.95
N THR A 240 -4.97 -15.87 22.89
CA THR A 240 -6.33 -15.42 23.20
C THR A 240 -6.42 -15.11 24.69
N THR A 241 -6.93 -13.95 25.06
CA THR A 241 -7.13 -13.59 26.47
C THR A 241 -8.62 -13.58 26.88
N SER A 242 -9.56 -13.77 25.93
CA SER A 242 -10.98 -13.78 26.26
C SER A 242 -11.46 -15.18 26.63
N ASN A 259 -19.31 -13.57 22.62
CA ASN A 259 -19.64 -12.57 21.60
C ASN A 259 -18.37 -11.93 21.01
N ASP A 260 -17.45 -11.47 21.85
CA ASP A 260 -16.21 -10.85 21.39
C ASP A 260 -14.98 -11.75 21.64
N SER A 261 -13.89 -11.51 20.91
CA SER A 261 -12.63 -12.22 21.10
C SER A 261 -11.53 -11.19 21.32
N GLN A 262 -10.72 -11.36 22.35
CA GLN A 262 -9.61 -10.46 22.64
C GLN A 262 -8.30 -11.24 22.60
N PHE A 263 -7.24 -10.59 22.13
CA PHE A 263 -5.94 -11.22 22.02
C PHE A 263 -4.86 -10.30 22.59
N LEU A 264 -3.81 -10.92 23.09
CA LEU A 264 -2.59 -10.24 23.54
C LEU A 264 -1.55 -10.50 22.44
N HIS A 265 -0.75 -9.49 22.07
CA HIS A 265 0.22 -9.62 20.98
C HIS A 265 1.63 -9.23 21.37
N LEU A 266 2.62 -9.80 20.69
CA LEU A 266 4.01 -9.46 20.89
C LEU A 266 4.79 -9.60 19.57
N LEU A 267 5.54 -8.55 19.17
CA LEU A 267 6.46 -8.65 18.03
C LEU A 267 7.85 -8.62 18.64
N ARG A 268 8.72 -9.58 18.28
CA ARG A 268 10.09 -9.59 18.79
C ARG A 268 11.07 -9.97 17.67
N LEU A 269 12.36 -9.61 17.77
CA LEU A 269 13.34 -9.98 16.75
C LEU A 269 13.53 -11.50 16.76
N SER A 270 13.51 -12.14 15.58
CA SER A 270 13.56 -13.60 15.35
C SER A 270 14.68 -14.32 16.05
N GLY A 271 15.81 -13.64 16.19
CA GLY A 271 16.99 -14.23 16.78
C GLY A 271 17.02 -14.15 18.29
N ASP A 272 17.48 -13.00 18.82
CA ASP A 272 17.66 -12.83 20.26
C ASP A 272 16.35 -12.58 21.05
N GLY A 273 15.23 -12.44 20.36
CA GLY A 273 13.95 -12.23 21.05
C GLY A 273 13.74 -10.86 21.66
N GLN A 274 14.50 -9.86 21.20
CA GLN A 274 14.31 -8.50 21.68
C GLN A 274 12.91 -7.95 21.28
N GLU A 275 12.14 -7.48 22.25
CA GLU A 275 10.81 -6.92 22.00
C GLU A 275 10.84 -5.64 21.11
N ILE A 276 9.97 -5.58 20.08
CA ILE A 276 9.88 -4.36 19.28
C ILE A 276 8.50 -3.69 19.51
N ASN A 277 7.43 -4.50 19.71
CA ASN A 277 6.06 -4.02 19.98
C ASN A 277 5.31 -4.99 20.88
N ARG A 278 4.30 -4.48 21.56
CA ARG A 278 3.33 -5.28 22.27
C ARG A 278 1.96 -4.62 22.02
N GLY A 279 0.92 -5.42 22.01
CA GLY A 279 -0.42 -4.87 21.75
C GLY A 279 -1.58 -5.76 22.15
N THR A 280 -2.80 -5.25 21.94
CA THR A 280 -4.04 -5.98 22.20
C THR A 280 -5.01 -5.68 21.05
N THR A 281 -5.82 -6.67 20.68
CA THR A 281 -6.88 -6.48 19.70
C THR A 281 -8.22 -6.99 20.26
N LEU A 282 -9.32 -6.36 19.86
CA LEU A 282 -10.66 -6.77 20.26
C LEU A 282 -11.45 -6.98 18.96
N TRP A 283 -12.08 -8.14 18.81
CA TRP A 283 -12.80 -8.51 17.60
C TRP A 283 -14.26 -8.85 17.90
N ARG A 284 -15.19 -8.47 17.02
CA ARG A 284 -16.59 -8.80 17.22
C ARG A 284 -17.10 -9.72 16.10
N LYS A 285 -17.98 -10.67 16.44
CA LYS A 285 -18.54 -11.60 15.45
C LYS A 285 -19.29 -10.85 14.33
N LYS A 286 -19.15 -11.31 13.08
CA LYS A 286 -19.81 -10.66 11.95
C LYS A 286 -21.33 -10.89 11.97
N GLY B 2 -12.90 11.10 -11.29
CA GLY B 2 -12.59 10.45 -12.56
C GLY B 2 -13.79 10.36 -13.48
N SER B 3 -13.54 10.24 -14.80
CA SER B 3 -14.64 10.15 -15.75
C SER B 3 -14.24 9.59 -17.11
N LEU B 4 -15.21 8.99 -17.83
CA LEU B 4 -15.02 8.59 -19.22
C LEU B 4 -14.84 9.90 -20.04
N THR B 5 -14.05 9.87 -21.09
CA THR B 5 -13.88 11.02 -21.97
C THR B 5 -15.19 11.23 -22.81
N GLU B 6 -15.24 12.26 -23.66
CA GLU B 6 -16.45 12.56 -24.43
C GLU B 6 -16.96 11.40 -25.28
N ASP B 7 -16.07 10.72 -26.01
CA ASP B 7 -16.49 9.61 -26.87
C ASP B 7 -16.83 8.31 -26.10
N GLY B 8 -16.57 8.27 -24.80
CA GLY B 8 -16.84 7.10 -23.97
C GLY B 8 -15.92 5.92 -24.26
N LEU B 9 -14.79 6.15 -24.97
CA LEU B 9 -13.85 5.10 -25.33
C LEU B 9 -12.54 5.08 -24.49
N SER B 10 -12.42 6.01 -23.53
CA SER B 10 -11.29 6.00 -22.60
C SER B 10 -11.70 6.64 -21.26
N TYR B 11 -10.88 6.48 -20.23
CA TYR B 11 -11.20 6.95 -18.89
C TYR B 11 -10.01 7.71 -18.31
N LYS B 12 -10.27 8.85 -17.65
CA LYS B 12 -9.23 9.68 -17.03
C LYS B 12 -9.48 9.89 -15.56
N GLU B 13 -8.41 9.95 -14.76
CA GLU B 13 -8.51 10.19 -13.34
C GLU B 13 -7.25 10.89 -12.82
N LYS B 14 -7.41 11.82 -11.85
CA LYS B 14 -6.31 12.53 -11.23
C LYS B 14 -6.07 11.98 -9.83
N PHE B 15 -4.80 11.95 -9.42
CA PHE B 15 -4.43 11.48 -8.09
C PHE B 15 -3.41 12.42 -7.50
N VAL B 16 -3.55 12.73 -6.21
CA VAL B 16 -2.56 13.55 -5.50
C VAL B 16 -1.63 12.54 -4.83
N VAL B 17 -0.32 12.57 -5.13
CA VAL B 17 0.65 11.63 -4.53
C VAL B 17 0.75 11.80 -2.99
N ARG B 18 0.58 10.68 -2.24
CA ARG B 18 0.59 10.66 -0.76
C ARG B 18 1.97 10.49 -0.10
N SER B 19 2.12 10.95 1.16
CA SER B 19 3.38 10.85 1.91
C SER B 19 3.93 9.42 1.98
N TYR B 20 3.07 8.40 2.26
CA TYR B 20 3.51 7.00 2.35
C TYR B 20 3.70 6.31 1.00
N GLU B 21 3.36 6.99 -0.10
CA GLU B 21 3.48 6.45 -1.46
C GLU B 21 4.87 6.71 -2.10
N VAL B 22 5.71 7.55 -1.45
CA VAL B 22 7.00 7.91 -2.02
C VAL B 22 8.19 7.20 -1.40
N GLY B 23 9.27 7.09 -2.16
CA GLY B 23 10.53 6.51 -1.72
C GLY B 23 11.52 7.55 -1.23
N SER B 24 12.83 7.18 -1.16
CA SER B 24 13.89 8.06 -0.63
C SER B 24 14.13 9.37 -1.43
N ASN B 25 13.65 9.42 -2.68
CA ASN B 25 13.75 10.59 -3.55
C ASN B 25 12.54 11.56 -3.41
N LYS B 26 11.60 11.24 -2.50
CA LYS B 26 10.36 12.00 -2.30
C LYS B 26 9.48 12.01 -3.56
N THR B 27 9.58 10.94 -4.39
CA THR B 27 8.76 10.71 -5.57
C THR B 27 8.10 9.32 -5.46
N ALA B 28 6.98 9.15 -6.16
CA ALA B 28 6.20 7.93 -6.13
C ALA B 28 7.00 6.71 -6.54
N THR B 29 6.88 5.60 -5.80
CA THR B 29 7.58 4.38 -6.17
C THR B 29 6.90 3.75 -7.41
N VAL B 30 7.57 2.83 -8.11
CA VAL B 30 6.95 2.14 -9.25
C VAL B 30 5.75 1.29 -8.78
N GLU B 31 5.73 0.85 -7.50
CA GLU B 31 4.62 0.07 -6.96
C GLU B 31 3.41 0.97 -6.72
N THR B 32 3.61 2.23 -6.30
CA THR B 32 2.49 3.18 -6.16
C THR B 32 1.90 3.43 -7.57
N ILE B 33 2.77 3.65 -8.57
CA ILE B 33 2.33 3.87 -9.95
C ILE B 33 1.50 2.68 -10.44
N ALA B 34 2.02 1.44 -10.26
CA ALA B 34 1.31 0.23 -10.68
C ALA B 34 -0.05 0.09 -9.98
N ASN B 35 -0.17 0.45 -8.68
CA ASN B 35 -1.45 0.40 -7.95
C ASN B 35 -2.44 1.43 -8.56
N LEU B 36 -1.97 2.62 -8.93
CA LEU B 36 -2.78 3.67 -9.55
C LEU B 36 -3.27 3.23 -10.93
N LEU B 37 -2.43 2.48 -11.68
CA LEU B 37 -2.85 1.95 -12.99
C LEU B 37 -4.02 0.98 -12.81
N GLN B 38 -3.90 0.10 -11.80
CA GLN B 38 -4.90 -0.88 -11.44
C GLN B 38 -6.20 -0.18 -11.03
N GLU B 39 -6.10 0.86 -10.17
CA GLU B 39 -7.26 1.64 -9.72
C GLU B 39 -8.01 2.36 -10.88
N VAL B 40 -7.27 2.98 -11.82
CA VAL B 40 -7.90 3.66 -12.94
C VAL B 40 -8.57 2.62 -13.90
N GLY B 41 -7.98 1.43 -14.01
CA GLY B 41 -8.53 0.31 -14.77
C GLY B 41 -9.84 -0.16 -14.16
N CYS B 42 -9.88 -0.32 -12.82
CA CYS B 42 -11.11 -0.71 -12.12
C CYS B 42 -12.21 0.36 -12.32
N ASN B 43 -11.85 1.64 -12.20
CA ASN B 43 -12.82 2.72 -12.33
C ASN B 43 -13.38 2.81 -13.76
N HIS B 44 -12.56 2.49 -14.77
CA HIS B 44 -12.98 2.44 -16.15
C HIS B 44 -14.06 1.35 -16.32
N ALA B 45 -13.80 0.12 -15.83
CA ALA B 45 -14.77 -0.99 -15.93
C ALA B 45 -16.13 -0.64 -15.26
N GLN B 46 -16.08 -0.01 -14.07
CA GLN B 46 -17.30 0.42 -13.37
C GLN B 46 -18.07 1.46 -14.18
N SER B 47 -17.36 2.43 -14.78
CA SER B 47 -18.01 3.50 -15.53
C SER B 47 -18.73 3.01 -16.79
N VAL B 48 -18.29 1.87 -17.35
CA VAL B 48 -18.95 1.35 -18.54
C VAL B 48 -20.01 0.28 -18.22
N GLY B 49 -20.39 0.13 -16.94
CA GLY B 49 -21.48 -0.76 -16.57
C GLY B 49 -21.19 -2.04 -15.80
N PHE B 50 -19.92 -2.38 -15.58
CA PHE B 50 -19.59 -3.63 -14.86
C PHE B 50 -19.78 -3.51 -13.33
N SER B 51 -20.56 -4.43 -12.75
CA SER B 51 -20.82 -4.46 -11.32
C SER B 51 -19.60 -4.94 -10.52
N GLY B 54 -17.46 -9.15 -10.18
CA GLY B 54 -16.02 -9.26 -10.28
C GLY B 54 -15.41 -8.12 -11.07
N PHE B 55 -14.24 -8.36 -11.72
CA PHE B 55 -13.61 -7.30 -12.52
C PHE B 55 -14.42 -7.10 -13.85
N ALA B 56 -13.78 -6.92 -15.02
CA ALA B 56 -14.51 -6.64 -16.25
C ALA B 56 -15.16 -7.88 -16.88
N THR B 57 -16.10 -8.51 -16.16
CA THR B 57 -16.77 -9.70 -16.67
C THR B 57 -18.21 -9.46 -17.04
N THR B 58 -18.54 -9.77 -18.27
CA THR B 58 -19.89 -9.68 -18.79
C THR B 58 -20.67 -10.89 -18.29
N THR B 59 -22.01 -10.87 -18.42
CA THR B 59 -22.83 -12.00 -17.97
C THR B 59 -22.45 -13.30 -18.68
N THR B 60 -21.97 -13.22 -19.93
CA THR B 60 -21.54 -14.41 -20.67
C THR B 60 -20.29 -15.02 -20.01
N MET B 61 -19.32 -14.19 -19.66
CA MET B 61 -18.11 -14.64 -18.98
C MET B 61 -18.48 -15.23 -17.61
N ARG B 62 -19.36 -14.55 -16.87
CA ARG B 62 -19.81 -15.01 -15.55
C ARG B 62 -20.51 -16.38 -15.61
N LYS B 63 -21.33 -16.62 -16.63
CA LYS B 63 -22.00 -17.91 -16.78
C LYS B 63 -21.02 -19.05 -17.12
N LEU B 64 -19.97 -18.76 -17.92
CA LEU B 64 -18.95 -19.77 -18.23
C LEU B 64 -17.78 -19.82 -17.24
N HIS B 65 -17.89 -19.10 -16.10
CA HIS B 65 -16.83 -18.99 -15.07
C HIS B 65 -15.47 -18.54 -15.65
N LEU B 66 -15.47 -17.56 -16.57
CA LEU B 66 -14.25 -17.04 -17.17
C LEU B 66 -13.86 -15.70 -16.55
N ILE B 67 -12.55 -15.44 -16.38
CA ILE B 67 -12.03 -14.18 -15.87
C ILE B 67 -10.86 -13.67 -16.75
N TRP B 68 -10.54 -12.38 -16.63
CA TRP B 68 -9.38 -11.80 -17.28
C TRP B 68 -8.20 -11.93 -16.30
N VAL B 69 -7.05 -12.35 -16.78
CA VAL B 69 -5.84 -12.48 -16.00
C VAL B 69 -4.70 -11.81 -16.77
N THR B 70 -3.75 -11.19 -16.06
CA THR B 70 -2.62 -10.51 -16.73
C THR B 70 -1.56 -11.52 -17.18
N ALA B 71 -1.17 -11.45 -18.45
CA ALA B 71 -0.09 -12.30 -18.98
C ALA B 71 1.24 -11.49 -18.93
N ARG B 72 1.17 -10.18 -19.19
CA ARG B 72 2.36 -9.33 -19.23
C ARG B 72 2.03 -7.90 -18.85
N MET B 73 2.96 -7.23 -18.16
CA MET B 73 2.85 -5.83 -17.76
C MET B 73 4.16 -5.12 -18.21
N HIS B 74 4.05 -3.94 -18.82
CA HIS B 74 5.23 -3.18 -19.29
C HIS B 74 5.04 -1.70 -18.92
N ILE B 75 5.94 -1.15 -18.11
CA ILE B 75 5.85 0.23 -17.66
C ILE B 75 7.14 1.01 -17.97
N GLU B 76 7.01 2.23 -18.51
N GLU B 76 7.01 2.24 -18.50
N GLU B 76 7.01 2.23 -18.51
CA GLU B 76 8.14 3.13 -18.76
CA GLU B 76 8.12 3.14 -18.78
CA GLU B 76 8.14 3.13 -18.76
C GLU B 76 7.86 4.47 -18.08
C GLU B 76 7.88 4.48 -18.10
C GLU B 76 7.86 4.47 -18.08
N ILE B 77 8.75 4.88 -17.17
CA ILE B 77 8.59 6.14 -16.46
C ILE B 77 9.72 7.12 -16.80
N TYR B 78 9.38 8.31 -17.29
CA TYR B 78 10.36 9.36 -17.59
C TYR B 78 10.57 10.22 -16.34
N LYS B 79 9.48 10.56 -15.64
CA LYS B 79 9.56 11.34 -14.39
C LYS B 79 8.58 10.79 -13.36
N TYR B 80 9.04 10.45 -12.16
CA TYR B 80 8.14 9.97 -11.11
C TYR B 80 7.55 11.22 -10.43
N PRO B 81 6.22 11.30 -10.29
CA PRO B 81 5.63 12.49 -9.65
C PRO B 81 6.06 12.64 -8.20
N ALA B 82 6.28 13.87 -7.78
CA ALA B 82 6.71 14.15 -6.42
C ALA B 82 5.52 14.11 -5.44
N TRP B 83 5.83 13.94 -4.16
CA TRP B 83 4.88 13.98 -3.04
C TRP B 83 4.08 15.31 -3.10
N GLY B 84 2.76 15.21 -3.13
CA GLY B 84 1.90 16.38 -3.22
C GLY B 84 1.54 16.78 -4.64
N ASP B 85 2.21 16.21 -5.66
CA ASP B 85 1.91 16.53 -7.05
C ASP B 85 0.63 15.80 -7.50
N VAL B 86 0.00 16.33 -8.56
CA VAL B 86 -1.19 15.73 -9.11
C VAL B 86 -0.79 15.06 -10.42
N VAL B 87 -1.07 13.77 -10.55
CA VAL B 87 -0.77 13.04 -11.80
C VAL B 87 -2.11 12.64 -12.47
N GLU B 88 -2.24 12.86 -13.79
CA GLU B 88 -3.45 12.47 -14.51
C GLU B 88 -3.16 11.20 -15.33
N ILE B 89 -3.98 10.18 -15.17
CA ILE B 89 -3.81 8.92 -15.89
C ILE B 89 -4.98 8.64 -16.83
N GLU B 90 -4.69 8.37 -18.11
CA GLU B 90 -5.71 8.02 -19.09
C GLU B 90 -5.55 6.53 -19.47
N THR B 91 -6.65 5.77 -19.51
CA THR B 91 -6.59 4.36 -19.84
C THR B 91 -7.64 3.97 -20.88
N TRP B 92 -7.32 2.96 -21.68
CA TRP B 92 -8.23 2.43 -22.67
C TRP B 92 -7.88 0.97 -22.94
N CYS B 93 -8.81 0.24 -23.55
CA CYS B 93 -8.63 -1.16 -23.90
C CYS B 93 -8.77 -1.34 -25.38
N GLN B 94 -8.12 -2.38 -25.90
CA GLN B 94 -8.29 -2.76 -27.28
C GLN B 94 -8.27 -4.26 -27.40
N SER B 95 -9.15 -4.77 -28.25
CA SER B 95 -9.21 -6.18 -28.54
C SER B 95 -7.99 -6.54 -29.40
N GLU B 96 -7.36 -7.68 -29.15
CA GLU B 96 -6.25 -8.15 -29.96
C GLU B 96 -6.69 -9.47 -30.59
N GLY B 97 -7.81 -9.41 -31.32
CA GLY B 97 -8.40 -10.57 -31.97
C GLY B 97 -8.74 -11.68 -31.02
N ARG B 98 -8.40 -12.91 -31.38
CA ARG B 98 -8.67 -14.08 -30.53
C ARG B 98 -7.65 -14.28 -29.41
N ILE B 99 -6.51 -13.57 -29.44
CA ILE B 99 -5.47 -13.76 -28.44
C ILE B 99 -5.89 -13.32 -27.03
N GLY B 100 -6.50 -12.16 -26.95
CA GLY B 100 -6.94 -11.57 -25.70
C GLY B 100 -7.14 -10.08 -25.88
N THR B 101 -6.96 -9.33 -24.82
CA THR B 101 -7.11 -7.88 -24.86
C THR B 101 -5.85 -7.19 -24.36
N ARG B 102 -5.72 -5.90 -24.68
CA ARG B 102 -4.60 -5.10 -24.22
C ARG B 102 -5.15 -3.88 -23.50
N ARG B 103 -4.61 -3.55 -22.31
CA ARG B 103 -5.02 -2.31 -21.64
C ARG B 103 -3.80 -1.42 -21.67
N ASP B 104 -3.96 -0.15 -22.15
CA ASP B 104 -2.88 0.82 -22.19
C ASP B 104 -3.13 1.99 -21.24
N TRP B 105 -2.06 2.68 -20.83
CA TRP B 105 -2.17 3.86 -19.98
C TRP B 105 -1.19 4.93 -20.40
N ILE B 106 -1.53 6.21 -20.15
CA ILE B 106 -0.68 7.36 -20.36
C ILE B 106 -0.70 8.17 -19.06
N LEU B 107 0.47 8.48 -18.52
CA LEU B 107 0.56 9.27 -17.30
C LEU B 107 1.06 10.66 -17.67
N LYS B 108 0.44 11.70 -17.11
CA LYS B 108 0.84 13.09 -17.36
C LYS B 108 0.91 13.90 -16.07
N ASP B 109 1.77 14.91 -16.07
CA ASP B 109 1.84 15.85 -14.96
C ASP B 109 0.61 16.78 -15.21
N SER B 110 -0.27 16.92 -14.20
CA SER B 110 -1.49 17.71 -14.37
C SER B 110 -1.21 19.20 -14.56
N VAL B 111 -0.12 19.70 -13.97
CA VAL B 111 0.23 21.11 -14.08
C VAL B 111 0.84 21.46 -15.45
N THR B 112 1.75 20.62 -15.98
CA THR B 112 2.39 20.93 -17.26
C THR B 112 1.74 20.29 -18.49
N GLY B 113 1.01 19.20 -18.29
CA GLY B 113 0.39 18.47 -19.40
C GLY B 113 1.33 17.53 -20.13
N GLU B 114 2.60 17.46 -19.70
CA GLU B 114 3.59 16.61 -20.35
C GLU B 114 3.49 15.16 -19.92
N VAL B 115 3.73 14.25 -20.88
CA VAL B 115 3.69 12.81 -20.64
C VAL B 115 4.89 12.44 -19.79
N THR B 116 4.64 11.95 -18.59
CA THR B 116 5.70 11.54 -17.68
C THR B 116 5.88 10.00 -17.63
N GLY B 117 4.96 9.26 -18.24
CA GLY B 117 5.05 7.82 -18.26
C GLY B 117 4.03 7.16 -19.15
N ARG B 118 4.21 5.87 -19.42
N ARG B 118 4.21 5.86 -19.43
N ARG B 118 4.21 5.87 -19.41
CA ARG B 118 3.29 5.08 -20.23
CA ARG B 118 3.29 5.08 -20.23
CA ARG B 118 3.29 5.08 -20.23
C ARG B 118 3.37 3.60 -19.89
C ARG B 118 3.37 3.60 -19.89
C ARG B 118 3.37 3.60 -19.88
N ALA B 119 2.25 2.89 -19.99
CA ALA B 119 2.22 1.47 -19.67
C ALA B 119 1.30 0.70 -20.61
N THR B 120 1.58 -0.59 -20.76
CA THR B 120 0.78 -1.48 -21.59
C THR B 120 0.73 -2.86 -20.94
N SER B 121 -0.39 -3.56 -21.08
CA SER B 121 -0.56 -4.87 -20.46
C SER B 121 -1.37 -5.80 -21.35
N LYS B 122 -1.00 -7.09 -21.34
CA LYS B 122 -1.67 -8.14 -22.11
C LYS B 122 -2.50 -9.00 -21.14
N TRP B 123 -3.77 -9.20 -21.48
CA TRP B 123 -4.72 -9.94 -20.67
C TRP B 123 -5.29 -11.10 -21.49
N VAL B 124 -5.48 -12.25 -20.85
CA VAL B 124 -6.03 -13.45 -21.49
C VAL B 124 -7.21 -14.00 -20.68
N MET B 125 -8.10 -14.77 -21.34
CA MET B 125 -9.24 -15.33 -20.64
C MET B 125 -8.87 -16.68 -20.00
N MET B 126 -9.29 -16.89 -18.76
CA MET B 126 -9.00 -18.13 -18.06
C MET B 126 -10.23 -18.60 -17.30
N ASN B 127 -10.43 -19.92 -17.19
CA ASN B 127 -11.51 -20.45 -16.37
C ASN B 127 -11.06 -20.26 -14.92
N GLN B 128 -11.87 -19.59 -14.07
CA GLN B 128 -11.51 -19.30 -12.67
C GLN B 128 -11.32 -20.54 -11.77
N ASP B 129 -11.95 -21.67 -12.12
CA ASP B 129 -11.86 -22.90 -11.32
C ASP B 129 -10.73 -23.84 -11.76
N THR B 130 -10.67 -24.18 -13.07
CA THR B 130 -9.64 -25.10 -13.55
C THR B 130 -8.30 -24.44 -13.87
N ARG B 131 -8.29 -23.08 -14.00
CA ARG B 131 -7.13 -22.26 -14.37
C ARG B 131 -6.66 -22.53 -15.81
N ARG B 132 -7.55 -23.06 -16.67
CA ARG B 132 -7.20 -23.34 -18.04
C ARG B 132 -7.38 -22.14 -18.93
N LEU B 133 -6.34 -21.82 -19.73
CA LEU B 133 -6.39 -20.70 -20.65
C LEU B 133 -7.26 -21.03 -21.84
N GLN B 134 -7.82 -20.00 -22.47
CA GLN B 134 -8.68 -20.18 -23.63
C GLN B 134 -8.61 -19.00 -24.57
N LYS B 135 -8.94 -19.24 -25.84
CA LYS B 135 -9.11 -18.24 -26.89
C LYS B 135 -10.36 -17.40 -26.49
N VAL B 136 -10.51 -16.19 -27.04
CA VAL B 136 -11.64 -15.35 -26.63
C VAL B 136 -12.99 -15.75 -27.27
N SER B 137 -13.00 -16.24 -28.52
CA SER B 137 -14.24 -16.61 -29.22
C SER B 137 -15.06 -15.38 -29.62
N ASP B 138 -15.79 -15.50 -30.74
CA ASP B 138 -16.61 -14.42 -31.28
C ASP B 138 -17.64 -13.85 -30.30
N ASP B 139 -18.51 -14.70 -29.72
CA ASP B 139 -19.57 -14.26 -28.80
C ASP B 139 -19.11 -13.37 -27.67
N VAL B 140 -18.00 -13.71 -26.99
CA VAL B 140 -17.51 -12.90 -25.88
C VAL B 140 -16.83 -11.61 -26.34
N ARG B 141 -15.99 -11.70 -27.38
CA ARG B 141 -15.28 -10.56 -27.95
C ARG B 141 -16.22 -9.50 -28.47
N ASP B 142 -17.32 -9.92 -29.11
CA ASP B 142 -18.29 -8.97 -29.67
C ASP B 142 -19.01 -8.15 -28.61
N GLU B 143 -19.13 -8.67 -27.38
CA GLU B 143 -19.78 -7.97 -26.27
C GLU B 143 -18.93 -6.82 -25.69
N TYR B 144 -17.59 -6.87 -25.87
CA TYR B 144 -16.69 -5.84 -25.35
C TYR B 144 -16.25 -4.81 -26.40
N LEU B 145 -16.44 -5.08 -27.68
CA LEU B 145 -16.00 -4.20 -28.75
C LEU B 145 -16.60 -2.80 -28.70
N VAL B 146 -17.84 -2.66 -28.20
CA VAL B 146 -18.51 -1.36 -28.08
C VAL B 146 -17.86 -0.43 -27.02
N PHE B 147 -16.89 -0.94 -26.24
CA PHE B 147 -16.18 -0.17 -25.21
C PHE B 147 -14.70 0.14 -25.61
N CYS B 148 -14.27 -0.26 -26.81
CA CYS B 148 -12.92 -0.06 -27.30
C CYS B 148 -12.89 0.88 -28.50
N PRO B 149 -11.81 1.67 -28.65
CA PRO B 149 -11.63 2.41 -29.93
C PRO B 149 -11.44 1.35 -31.05
N GLN B 150 -12.03 1.58 -32.21
CA GLN B 150 -11.96 0.59 -33.31
C GLN B 150 -10.64 0.67 -34.10
N GLU B 151 -10.12 1.88 -34.28
CA GLU B 151 -8.83 2.07 -34.93
C GLU B 151 -7.76 1.86 -33.85
N PRO B 152 -6.57 1.34 -34.22
CA PRO B 152 -5.53 1.13 -33.20
C PRO B 152 -5.12 2.43 -32.50
N ARG B 153 -4.91 2.34 -31.19
CA ARG B 153 -4.49 3.43 -30.34
C ARG B 153 -3.50 2.78 -29.39
N LEU B 154 -2.20 3.02 -29.60
CA LEU B 154 -1.17 2.35 -28.81
C LEU B 154 -0.33 3.28 -27.99
N ALA B 155 -0.17 2.97 -26.71
CA ALA B 155 0.73 3.73 -25.85
C ALA B 155 2.18 3.52 -26.32
N PHE B 156 2.50 2.37 -26.91
CA PHE B 156 3.84 2.08 -27.44
C PHE B 156 3.74 1.80 -28.96
N PRO B 157 3.66 2.86 -29.77
CA PRO B 157 3.53 2.65 -31.23
C PRO B 157 4.76 2.08 -31.94
N GLU B 158 5.99 2.52 -31.59
CA GLU B 158 7.26 2.09 -32.22
C GLU B 158 7.29 0.65 -32.74
N GLU B 159 7.68 0.43 -34.02
CA GLU B 159 7.72 -0.92 -34.57
C GLU B 159 8.84 -1.76 -33.96
N ASN B 160 8.46 -2.84 -33.25
CA ASN B 160 9.37 -3.75 -32.55
C ASN B 160 10.09 -3.03 -31.41
N ASN B 161 9.30 -2.59 -30.42
CA ASN B 161 9.78 -1.88 -29.24
C ASN B 161 9.93 -2.81 -28.01
N ARG B 162 10.39 -2.27 -26.86
CA ARG B 162 10.63 -3.01 -25.61
C ARG B 162 9.44 -3.78 -25.04
N SER B 163 8.20 -3.28 -25.25
CA SER B 163 6.99 -3.89 -24.69
C SER B 163 6.63 -5.26 -25.25
N LEU B 164 7.17 -5.62 -26.43
CA LEU B 164 6.87 -6.90 -27.08
C LEU B 164 8.11 -7.81 -27.23
N LYS B 165 9.15 -7.57 -26.42
CA LYS B 165 10.38 -8.37 -26.53
C LYS B 165 10.27 -9.67 -25.74
N LYS B 166 10.82 -10.78 -26.27
CA LYS B 166 10.79 -12.07 -25.58
C LYS B 166 11.81 -12.06 -24.42
N ILE B 167 11.42 -12.60 -23.25
CA ILE B 167 12.32 -12.61 -22.08
C ILE B 167 12.90 -14.01 -21.83
N PRO B 168 14.23 -14.15 -21.81
CA PRO B 168 14.84 -15.46 -21.55
C PRO B 168 14.73 -15.89 -20.09
N LYS B 169 15.01 -17.17 -19.82
CA LYS B 169 14.97 -17.68 -18.46
C LYS B 169 16.36 -17.55 -17.82
N LEU B 170 16.44 -16.89 -16.67
CA LEU B 170 17.68 -16.69 -15.92
C LEU B 170 18.33 -18.07 -15.61
N GLU B 171 19.63 -18.21 -15.85
CA GLU B 171 20.36 -19.46 -15.59
C GLU B 171 21.06 -19.43 -14.21
N ASP B 172 21.01 -20.54 -13.46
CA ASP B 172 21.70 -20.61 -12.18
C ASP B 172 23.22 -20.75 -12.44
N PRO B 173 24.09 -20.09 -11.66
CA PRO B 173 23.77 -19.28 -10.47
C PRO B 173 23.40 -17.82 -10.78
N ALA B 174 22.46 -17.25 -10.01
CA ALA B 174 22.04 -15.86 -10.14
C ALA B 174 23.12 -14.96 -9.54
N GLN B 175 23.31 -13.75 -10.10
CA GLN B 175 24.30 -12.82 -9.53
C GLN B 175 23.86 -12.34 -8.15
N TYR B 176 22.56 -12.01 -8.00
CA TYR B 176 21.96 -11.52 -6.75
C TYR B 176 20.68 -12.33 -6.42
N SER B 177 20.28 -12.34 -5.14
CA SER B 177 19.07 -13.05 -4.73
C SER B 177 18.48 -12.53 -3.43
N MET B 178 17.16 -12.69 -3.27
CA MET B 178 16.46 -12.37 -2.03
C MET B 178 15.55 -13.60 -1.81
N ILE B 179 15.79 -14.39 -0.77
CA ILE B 179 15.07 -15.64 -0.58
C ILE B 179 14.03 -15.59 0.54
N GLY B 180 13.07 -16.51 0.50
CA GLY B 180 12.07 -16.61 1.55
C GLY B 180 11.04 -15.51 1.62
N LEU B 181 10.71 -14.88 0.49
CA LEU B 181 9.70 -13.82 0.45
C LEU B 181 8.30 -14.43 0.60
N LYS B 182 7.46 -13.86 1.48
CA LYS B 182 6.10 -14.41 1.73
C LYS B 182 5.10 -13.26 1.73
N PRO B 183 3.93 -13.46 1.15
CA PRO B 183 2.90 -12.41 1.22
C PRO B 183 2.23 -12.31 2.60
N ARG B 184 1.89 -11.10 3.03
CA ARG B 184 1.10 -10.91 4.23
C ARG B 184 -0.32 -10.47 3.78
N ARG B 185 -1.29 -10.36 4.68
CA ARG B 185 -2.66 -9.99 4.30
C ARG B 185 -2.76 -8.70 3.48
N ALA B 186 -1.88 -7.70 3.76
CA ALA B 186 -1.90 -6.46 2.96
C ALA B 186 -1.53 -6.69 1.50
N ASP B 187 -0.83 -7.78 1.18
CA ASP B 187 -0.49 -8.11 -0.22
C ASP B 187 -1.66 -8.77 -0.99
N LEU B 188 -2.77 -9.08 -0.33
CA LEU B 188 -3.89 -9.76 -0.97
C LEU B 188 -4.95 -8.78 -1.46
N ASP B 189 -5.66 -9.12 -2.53
CA ASP B 189 -6.77 -8.32 -3.04
C ASP B 189 -8.09 -8.73 -2.34
N MET B 190 -9.21 -8.14 -2.74
CA MET B 190 -10.52 -8.43 -2.17
C MET B 190 -10.97 -9.89 -2.38
N ASN B 191 -10.34 -10.63 -3.31
CA ASN B 191 -10.68 -12.06 -3.54
C ASN B 191 -9.67 -13.01 -2.88
N GLN B 192 -8.81 -12.51 -1.97
CA GLN B 192 -7.77 -13.27 -1.25
C GLN B 192 -6.67 -13.83 -2.17
N HIS B 193 -6.46 -13.18 -3.32
CA HIS B 193 -5.39 -13.56 -4.24
C HIS B 193 -4.27 -12.53 -4.09
N VAL B 194 -3.02 -12.92 -4.35
CA VAL B 194 -1.90 -11.98 -4.25
C VAL B 194 -2.07 -10.88 -5.32
N ASN B 195 -1.98 -9.61 -4.91
CA ASN B 195 -2.09 -8.49 -5.84
C ASN B 195 -0.91 -8.54 -6.84
N ASN B 196 -1.17 -8.31 -8.13
CA ASN B 196 -0.13 -8.29 -9.17
C ASN B 196 1.05 -7.35 -8.88
N VAL B 197 0.83 -6.27 -8.14
CA VAL B 197 1.85 -5.28 -7.81
C VAL B 197 2.90 -5.85 -6.82
N THR B 198 2.49 -6.77 -5.94
CA THR B 198 3.40 -7.46 -5.01
C THR B 198 4.53 -8.16 -5.80
N TYR B 199 4.23 -8.78 -6.96
CA TYR B 199 5.26 -9.46 -7.74
C TYR B 199 6.32 -8.47 -8.25
N ILE B 200 5.89 -7.22 -8.63
CA ILE B 200 6.81 -6.15 -9.02
C ILE B 200 7.76 -5.85 -7.84
N GLY B 201 7.21 -5.71 -6.63
CA GLY B 201 8.01 -5.49 -5.43
C GLY B 201 9.00 -6.61 -5.17
N TRP B 202 8.55 -7.84 -5.30
CA TRP B 202 9.40 -9.01 -5.10
C TRP B 202 10.54 -9.08 -6.11
N VAL B 203 10.26 -8.74 -7.39
CA VAL B 203 11.29 -8.70 -8.45
C VAL B 203 12.39 -7.69 -8.04
N LEU B 204 11.96 -6.48 -7.61
CA LEU B 204 12.87 -5.40 -7.23
C LEU B 204 13.67 -5.66 -5.96
N GLU B 205 13.21 -6.57 -5.07
CA GLU B 205 13.91 -6.88 -3.82
C GLU B 205 15.32 -7.46 -4.05
N SER B 206 15.57 -8.14 -5.19
CA SER B 206 16.91 -8.68 -5.41
C SER B 206 17.86 -7.70 -6.14
N ILE B 207 17.42 -6.47 -6.43
CA ILE B 207 18.32 -5.45 -7.00
C ILE B 207 19.13 -4.92 -5.81
N PRO B 208 20.47 -4.81 -5.91
CA PRO B 208 21.25 -4.29 -4.78
C PRO B 208 20.84 -2.86 -4.38
N GLN B 209 20.92 -2.54 -3.09
CA GLN B 209 20.59 -1.23 -2.57
C GLN B 209 21.43 -0.11 -3.22
N GLU B 210 22.70 -0.38 -3.56
CA GLU B 210 23.55 0.63 -4.20
C GLU B 210 23.01 1.04 -5.57
N ILE B 211 22.47 0.09 -6.35
CA ILE B 211 21.86 0.42 -7.65
C ILE B 211 20.65 1.31 -7.39
N VAL B 212 19.75 0.91 -6.47
CA VAL B 212 18.57 1.70 -6.12
C VAL B 212 18.92 3.12 -5.63
N ASP B 213 19.98 3.26 -4.83
CA ASP B 213 20.44 4.55 -4.30
C ASP B 213 21.04 5.51 -5.36
N THR B 214 21.62 4.96 -6.45
CA THR B 214 22.28 5.80 -7.47
C THR B 214 21.61 5.81 -8.84
N HIS B 215 20.58 4.98 -9.03
CA HIS B 215 19.89 4.88 -10.30
C HIS B 215 18.40 5.08 -10.14
N GLU B 216 17.73 5.40 -11.24
CA GLU B 216 16.29 5.48 -11.28
C GLU B 216 15.79 4.42 -12.24
N LEU B 217 14.73 3.70 -11.85
CA LEU B 217 14.14 2.69 -12.71
C LEU B 217 13.42 3.39 -13.88
N GLN B 218 13.81 3.07 -15.11
CA GLN B 218 13.19 3.66 -16.28
C GLN B 218 12.16 2.72 -16.92
N VAL B 219 12.50 1.41 -17.05
CA VAL B 219 11.61 0.45 -17.70
C VAL B 219 11.55 -0.85 -16.89
N ILE B 220 10.38 -1.48 -16.84
CA ILE B 220 10.16 -2.79 -16.24
C ILE B 220 9.17 -3.56 -17.12
N THR B 221 9.55 -4.77 -17.53
CA THR B 221 8.69 -5.69 -18.27
C THR B 221 8.56 -6.94 -17.40
N LEU B 222 7.33 -7.35 -17.13
CA LEU B 222 7.10 -8.52 -16.30
C LEU B 222 6.12 -9.50 -16.94
N ASP B 223 6.52 -10.77 -17.08
CA ASP B 223 5.66 -11.86 -17.54
C ASP B 223 5.12 -12.60 -16.33
N TYR B 224 3.84 -12.97 -16.37
CA TYR B 224 3.15 -13.68 -15.29
C TYR B 224 2.86 -15.12 -15.78
N ARG B 225 3.47 -16.12 -15.16
CA ARG B 225 3.33 -17.52 -15.59
C ARG B 225 2.41 -18.32 -14.67
N ARG B 226 2.54 -18.11 -13.37
CA ARG B 226 1.81 -18.83 -12.36
C ARG B 226 1.62 -17.92 -11.16
N GLU B 227 0.53 -18.12 -10.45
CA GLU B 227 0.20 -17.38 -9.27
C GLU B 227 0.91 -17.87 -7.99
N CYS B 228 1.26 -16.96 -7.07
CA CYS B 228 1.82 -17.34 -5.77
C CYS B 228 0.59 -17.44 -4.86
N GLN B 229 0.44 -18.58 -4.19
CA GLN B 229 -0.67 -18.74 -3.26
C GLN B 229 -0.32 -18.10 -1.91
N GLN B 230 -1.32 -17.81 -1.08
CA GLN B 230 -1.14 -17.20 0.23
C GLN B 230 -0.13 -17.95 1.13
N ASP B 231 -0.01 -19.29 0.99
CA ASP B 231 0.94 -20.05 1.81
C ASP B 231 2.23 -20.49 1.04
N ASP B 232 2.49 -19.85 -0.11
CA ASP B 232 3.70 -20.14 -0.88
C ASP B 232 4.87 -19.22 -0.42
N VAL B 233 6.10 -19.62 -0.73
CA VAL B 233 7.31 -18.88 -0.38
C VAL B 233 8.08 -18.67 -1.67
N VAL B 234 8.54 -17.44 -1.92
CA VAL B 234 9.19 -17.10 -3.18
C VAL B 234 10.66 -16.68 -3.05
N ASP B 235 11.47 -17.06 -4.05
CA ASP B 235 12.84 -16.62 -4.16
C ASP B 235 12.91 -15.65 -5.35
N SER B 236 13.62 -14.53 -5.19
CA SER B 236 13.76 -13.50 -6.24
C SER B 236 15.20 -13.49 -6.74
N LEU B 237 15.42 -13.74 -8.01
CA LEU B 237 16.74 -13.87 -8.62
C LEU B 237 16.99 -12.77 -9.69
N THR B 238 18.21 -12.19 -9.72
CA THR B 238 18.61 -11.12 -10.64
C THR B 238 20.06 -11.30 -11.12
N THR B 239 20.30 -11.06 -12.42
CA THR B 239 21.62 -11.08 -13.01
C THR B 239 21.75 -9.86 -13.91
N THR B 240 22.88 -9.13 -13.81
CA THR B 240 23.11 -7.98 -14.68
C THR B 240 23.34 -8.48 -16.10
N THR B 241 22.64 -7.92 -17.08
CA THR B 241 22.84 -8.29 -18.49
C THR B 241 23.55 -7.16 -19.29
N SER B 242 23.77 -5.97 -18.69
CA SER B 242 24.42 -4.88 -19.41
C SER B 242 25.95 -4.95 -19.28
N ASP B 260 23.56 3.22 -18.64
CA ASP B 260 22.40 2.47 -18.14
C ASP B 260 22.80 1.09 -17.60
N SER B 261 21.95 0.50 -16.75
CA SER B 261 22.15 -0.84 -16.21
C SER B 261 20.88 -1.65 -16.51
N GLN B 262 21.03 -2.84 -17.08
CA GLN B 262 19.90 -3.72 -17.37
C GLN B 262 20.06 -5.03 -16.59
N PHE B 263 18.95 -5.59 -16.16
CA PHE B 263 18.95 -6.82 -15.38
C PHE B 263 17.92 -7.80 -15.94
N LEU B 264 18.19 -9.08 -15.77
CA LEU B 264 17.26 -10.16 -16.08
C LEU B 264 16.75 -10.67 -14.71
N HIS B 265 15.46 -10.96 -14.59
CA HIS B 265 14.86 -11.37 -13.32
C HIS B 265 14.09 -12.68 -13.40
N LEU B 266 14.00 -13.37 -12.27
CA LEU B 266 13.22 -14.60 -12.16
C LEU B 266 12.65 -14.73 -10.74
N LEU B 267 11.34 -14.96 -10.62
CA LEU B 267 10.71 -15.28 -9.33
C LEU B 267 10.32 -16.76 -9.43
N ARG B 268 10.70 -17.58 -8.46
CA ARG B 268 10.33 -18.99 -8.45
C ARG B 268 9.96 -19.45 -7.03
N LEU B 269 9.16 -20.52 -6.89
CA LEU B 269 8.79 -21.03 -5.55
C LEU B 269 10.05 -21.56 -4.85
N SER B 270 10.25 -21.18 -3.57
CA SER B 270 11.43 -21.46 -2.74
C SER B 270 11.85 -22.92 -2.67
N GLY B 271 10.87 -23.80 -2.74
CA GLY B 271 11.12 -25.23 -2.63
C GLY B 271 11.48 -25.88 -3.94
N ASP B 272 10.47 -26.24 -4.73
CA ASP B 272 10.70 -26.97 -5.98
C ASP B 272 11.20 -26.12 -7.15
N GLY B 273 11.30 -24.81 -6.99
CA GLY B 273 11.82 -23.95 -8.03
C GLY B 273 10.90 -23.72 -9.22
N GLN B 274 9.60 -23.94 -9.04
CA GLN B 274 8.62 -23.67 -10.08
C GLN B 274 8.57 -22.15 -10.40
N GLU B 275 8.76 -21.79 -11.68
CA GLU B 275 8.71 -20.38 -12.11
C GLU B 275 7.33 -19.73 -11.90
N ILE B 276 7.29 -18.51 -11.32
CA ILE B 276 6.04 -17.79 -11.19
C ILE B 276 6.05 -16.54 -12.10
N ASN B 277 7.23 -15.88 -12.24
CA ASN B 277 7.41 -14.70 -13.11
C ASN B 277 8.83 -14.65 -13.67
N ARG B 278 8.97 -13.97 -14.78
CA ARG B 278 10.27 -13.62 -15.34
C ARG B 278 10.15 -12.15 -15.84
N GLY B 279 11.24 -11.41 -15.80
CA GLY B 279 11.21 -10.03 -16.22
C GLY B 279 12.55 -9.41 -16.53
N THR B 280 12.52 -8.14 -16.94
CA THR B 280 13.71 -7.33 -17.23
C THR B 280 13.47 -5.92 -16.69
N THR B 281 14.54 -5.28 -16.20
CA THR B 281 14.47 -3.88 -15.78
C THR B 281 15.62 -3.09 -16.44
N LEU B 282 15.38 -1.80 -16.70
CA LEU B 282 16.38 -0.91 -17.26
C LEU B 282 16.47 0.29 -16.32
N TRP B 283 17.68 0.62 -15.88
CA TRP B 283 17.90 1.69 -14.91
C TRP B 283 18.85 2.76 -15.46
N ARG B 284 18.57 4.05 -15.19
CA ARG B 284 19.38 5.20 -15.62
C ARG B 284 20.13 5.81 -14.42
N LYS B 285 21.41 6.22 -14.58
CA LYS B 285 22.15 6.89 -13.50
C LYS B 285 21.44 8.20 -13.10
N LYS B 286 21.39 8.52 -11.81
CA LYS B 286 20.73 9.74 -11.34
C LYS B 286 21.52 10.99 -11.72
O11 MWP C . 1.69 18.38 13.08
S9 MWP C . 1.72 19.75 13.50
O10 MWP C . 2.68 20.61 12.85
C8 MWP C . 0.13 20.47 13.50
C7 MWP C . -0.15 20.94 14.72
C2 MWP C . 0.78 20.55 15.76
C3 MWP C . 1.87 19.87 15.23
C4 MWP C . 2.91 19.41 16.02
C5 MWP C . 2.86 19.58 17.39
N12 MWP C . 3.91 19.13 18.17
C6 MWP C . 1.80 20.28 17.97
C1 MWP C . 0.79 20.76 17.16
S SO4 D . 2.64 15.09 16.25
O1 SO4 D . 1.78 14.48 17.28
O2 SO4 D . 3.33 16.25 16.82
O3 SO4 D . 3.76 14.20 15.89
O4 SO4 D . 1.89 15.40 15.01
S SO4 E . -8.87 -5.69 8.85
O1 SO4 E . -8.32 -6.75 9.71
O2 SO4 E . -9.55 -4.70 9.69
O3 SO4 E . -7.72 -5.07 8.16
O4 SO4 E . -9.84 -6.27 7.90
O11 MWP F . -14.82 -2.93 -18.76
S9 MWP F . -13.58 -2.48 -19.29
O10 MWP F . -12.47 -2.44 -18.38
C8 MWP F . -13.76 -0.97 -20.17
C7 MWP F . -13.47 -1.16 -21.46
C2 MWP F . -13.18 -2.53 -21.84
C3 MWP F . -13.16 -3.37 -20.73
C4 MWP F . -12.94 -4.73 -20.84
C5 MWP F . -12.63 -5.28 -22.06
N12 MWP F . -12.40 -6.64 -22.16
C6 MWP F . -12.62 -4.48 -23.19
C1 MWP F . -12.91 -3.14 -23.08
S SO4 G . -9.07 -5.59 -19.31
O1 SO4 G . -7.88 -5.82 -20.14
O2 SO4 G . -8.89 -4.40 -18.47
O3 SO4 G . -10.24 -5.47 -20.21
O4 SO4 G . -9.29 -6.68 -18.34
S SO4 H . 11.20 2.71 -7.50
O1 SO4 H . 11.96 3.67 -6.68
O2 SO4 H . 10.05 2.21 -6.76
O3 SO4 H . 10.77 3.35 -8.75
O4 SO4 H . 12.09 1.56 -7.78
#